data_1QG3
#
_entry.id   1QG3
#
_cell.length_a   59.040
_cell.length_b   59.040
_cell.length_c   246.050
_cell.angle_alpha   90.00
_cell.angle_beta   90.00
_cell.angle_gamma   90.00
#
_symmetry.space_group_name_H-M   'P 43 21 2'
#
loop_
_entity.id
_entity.type
_entity.pdbx_description
1 polymer 'PROTEIN (INTEGRIN BETA-4 SUBUNIT)'
2 non-polymer 'CACODYLATE ION'
3 non-polymer 'SULFATE ION'
4 water water
#
_entity_poly.entity_id   1
_entity_poly.type   'polypeptide(L)'
_entity_poly.pdbx_seq_one_letter_code
;DLGAPQNPNAKAAGSRKIHFNWLPPSGKPMGYRVKYWIQGDSESEAHLLDSKVPSVELTNLYPYCDYEMKVCAYGAQGEG
PYSSLVSCRTHQEVPSEPGRLAFNVVSSTVTQLSWAEPAETNGEITAYEVCYGLVNDDNRPIGPMKKVLVDNPKNRMLLI
ENLRESQPYRYTVKARNGAGWGPEREAIINLATQP
;
_entity_poly.pdbx_strand_id   A,B
#
loop_
_chem_comp.id
_chem_comp.type
_chem_comp.name
_chem_comp.formula
CAC non-polymer 'CACODYLATE ION' 'C2 H6 As O2 -1'
SO4 non-polymer 'SULFATE ION' 'O4 S -2'
#
# COMPACT_ATOMS: atom_id res chain seq x y z
N ASP A 1 23.29 17.38 25.28
CA ASP A 1 23.71 16.00 25.65
C ASP A 1 24.47 15.26 24.56
N LEU A 2 24.07 14.01 24.32
CA LEU A 2 24.71 13.18 23.31
C LEU A 2 24.36 13.63 21.89
N GLY A 3 25.38 13.65 21.03
CA GLY A 3 25.15 14.02 19.65
C GLY A 3 24.61 12.82 18.91
N ALA A 4 24.29 13.00 17.63
CA ALA A 4 23.76 11.92 16.81
C ALA A 4 24.91 11.12 16.24
N PRO A 5 24.79 9.78 16.22
CA PRO A 5 25.90 8.99 15.68
C PRO A 5 26.19 9.48 14.27
N GLN A 6 27.47 9.55 13.90
CA GLN A 6 27.88 10.04 12.60
C GLN A 6 28.27 8.97 11.60
N ASN A 7 28.26 9.35 10.32
CA ASN A 7 28.62 8.48 9.21
C ASN A 7 28.01 7.10 9.28
N PRO A 8 26.68 7.01 9.39
CA PRO A 8 26.02 5.70 9.44
C PRO A 8 26.29 4.98 8.13
N ASN A 9 26.69 3.72 8.20
CA ASN A 9 27.00 2.96 6.99
C ASN A 9 26.45 1.53 7.06
N ALA A 10 25.89 1.05 5.96
CA ALA A 10 25.34 -0.30 5.92
C ALA A 10 25.69 -1.06 4.64
N LYS A 11 25.81 -2.38 4.77
CA LYS A 11 26.11 -3.23 3.62
C LYS A 11 25.61 -4.66 3.87
N ALA A 12 25.10 -5.31 2.83
CA ALA A 12 24.61 -6.68 2.95
C ALA A 12 25.80 -7.54 3.37
N ALA A 13 25.60 -8.40 4.37
CA ALA A 13 26.68 -9.25 4.84
C ALA A 13 26.16 -10.64 5.16
N GLY A 14 26.45 -11.58 4.27
CA GLY A 14 25.99 -12.94 4.48
C GLY A 14 24.53 -13.09 4.13
N SER A 15 23.96 -14.22 4.54
CA SER A 15 22.57 -14.57 4.27
C SER A 15 21.57 -13.86 5.17
N ARG A 16 20.56 -13.27 4.54
CA ARG A 16 19.50 -12.57 5.26
C ARG A 16 19.96 -11.59 6.35
N LYS A 17 21.04 -10.88 6.11
CA LYS A 17 21.48 -9.91 7.10
C LYS A 17 22.24 -8.72 6.56
N ILE A 18 22.37 -7.72 7.43
CA ILE A 18 23.02 -6.48 7.10
C ILE A 18 23.95 -6.03 8.22
N HIS A 19 25.16 -5.62 7.85
CA HIS A 19 26.14 -5.12 8.79
C HIS A 19 25.92 -3.61 8.78
N PHE A 20 25.55 -3.05 9.93
CA PHE A 20 25.29 -1.61 10.05
C PHE A 20 26.29 -1.04 11.06
N ASN A 21 27.09 -0.06 10.64
CA ASN A 21 28.06 0.55 11.54
C ASN A 21 27.97 2.07 11.52
N TRP A 22 28.64 2.72 12.47
CA TRP A 22 28.60 4.18 12.56
C TRP A 22 29.73 4.68 13.46
N LEU A 23 29.88 6.00 13.55
CA LEU A 23 30.93 6.62 14.37
C LEU A 23 30.33 7.10 15.68
N PRO A 24 30.92 6.69 16.82
CA PRO A 24 30.41 7.10 18.13
C PRO A 24 30.24 8.61 18.19
N PRO A 25 29.17 9.08 18.83
CA PRO A 25 28.92 10.52 18.94
C PRO A 25 29.76 11.18 20.03
N SER A 26 29.91 12.49 19.93
CA SER A 26 30.66 13.26 20.90
C SER A 26 30.04 13.02 22.27
N GLY A 27 30.88 12.92 23.29
CA GLY A 27 30.36 12.69 24.63
C GLY A 27 30.66 11.30 25.16
N LYS A 28 29.77 10.79 26.01
CA LYS A 28 29.95 9.47 26.59
C LYS A 28 28.73 8.58 26.43
N PRO A 29 28.61 7.93 25.26
CA PRO A 29 27.46 7.05 25.02
C PRO A 29 27.64 5.78 25.83
N MET A 30 26.56 5.22 26.35
CA MET A 30 26.65 3.97 27.11
C MET A 30 26.22 2.83 26.21
N GLY A 31 25.56 3.16 25.10
CA GLY A 31 25.11 2.14 24.17
C GLY A 31 24.42 2.79 22.98
N TYR A 32 23.73 1.98 22.18
CA TYR A 32 23.04 2.50 21.00
C TYR A 32 21.76 1.73 20.73
N ARG A 33 20.78 2.43 20.17
CA ARG A 33 19.51 1.81 19.85
C ARG A 33 19.27 1.94 18.34
N VAL A 34 19.18 0.80 17.67
CA VAL A 34 18.96 0.80 16.23
C VAL A 34 17.50 0.53 15.88
N LYS A 35 17.01 1.27 14.89
CA LYS A 35 15.65 1.13 14.42
C LYS A 35 15.75 0.81 12.93
N TYR A 36 15.15 -0.29 12.50
CA TYR A 36 15.22 -0.64 11.09
C TYR A 36 13.87 -1.16 10.62
N TRP A 37 13.62 -1.06 9.33
CA TRP A 37 12.34 -1.53 8.80
C TRP A 37 12.42 -1.73 7.29
N ILE A 38 11.49 -2.53 6.76
CA ILE A 38 11.46 -2.79 5.33
C ILE A 38 11.10 -1.48 4.64
N GLN A 39 11.81 -1.14 3.57
CA GLN A 39 11.53 0.10 2.86
C GLN A 39 10.07 0.14 2.40
N GLY A 40 9.36 1.20 2.78
CA GLY A 40 7.96 1.33 2.40
C GLY A 40 7.05 1.10 3.59
N ASP A 41 7.56 0.40 4.61
CA ASP A 41 6.78 0.14 5.81
C ASP A 41 6.73 1.37 6.69
N SER A 42 5.70 1.44 7.52
CA SER A 42 5.56 2.55 8.46
C SER A 42 6.52 2.23 9.59
N GLU A 43 7.12 3.25 10.21
CA GLU A 43 8.05 2.99 11.31
C GLU A 43 7.29 2.21 12.39
N SER A 44 5.97 2.13 12.22
CA SER A 44 5.11 1.41 13.16
C SER A 44 5.44 -0.07 13.05
N GLU A 45 6.04 -0.44 11.93
CA GLU A 45 6.43 -1.83 11.69
C GLU A 45 7.95 -1.97 11.81
N ALA A 46 8.59 -1.01 12.47
CA ALA A 46 10.03 -1.04 12.65
C ALA A 46 10.43 -2.01 13.75
N HIS A 47 11.70 -2.40 13.74
CA HIS A 47 12.22 -3.33 14.73
C HIS A 47 13.26 -2.57 15.54
N LEU A 48 13.39 -2.91 16.81
CA LEU A 48 14.33 -2.22 17.71
C LEU A 48 15.39 -3.15 18.28
N LEU A 49 16.66 -2.78 18.09
CA LEU A 49 17.79 -3.57 18.58
C LEU A 49 18.72 -2.71 19.42
N ASP A 50 19.38 -3.33 20.39
CA ASP A 50 20.32 -2.62 21.24
C ASP A 50 21.75 -3.07 20.96
N SER A 51 22.71 -2.21 21.24
CA SER A 51 24.11 -2.57 21.05
C SER A 51 25.01 -1.73 21.93
N LYS A 52 26.09 -2.35 22.41
CA LYS A 52 27.03 -1.66 23.26
C LYS A 52 28.22 -1.14 22.46
N VAL A 53 28.36 -1.64 21.23
CA VAL A 53 29.46 -1.23 20.35
C VAL A 53 28.89 -0.48 19.14
N PRO A 54 29.71 0.34 18.47
CA PRO A 54 29.35 1.15 17.30
C PRO A 54 28.99 0.39 16.02
N SER A 55 28.39 -0.78 16.16
CA SER A 55 27.98 -1.56 15.00
C SER A 55 27.03 -2.64 15.48
N VAL A 56 26.33 -3.25 14.53
CA VAL A 56 25.40 -4.32 14.84
C VAL A 56 25.04 -5.05 13.55
N GLU A 57 24.68 -6.32 13.68
CA GLU A 57 24.28 -7.12 12.55
C GLU A 57 22.77 -7.26 12.64
N LEU A 58 22.07 -6.89 11.57
CA LEU A 58 20.62 -6.99 11.54
C LEU A 58 20.36 -8.39 10.96
N THR A 59 19.65 -9.24 11.69
CA THR A 59 19.42 -10.58 11.21
C THR A 59 17.96 -10.98 11.04
N ASN A 60 17.74 -12.17 10.50
CA ASN A 60 16.40 -12.70 10.25
C ASN A 60 15.61 -11.80 9.32
N LEU A 61 16.29 -11.23 8.33
CA LEU A 61 15.66 -10.35 7.36
C LEU A 61 15.16 -11.17 6.18
N TYR A 62 14.38 -10.54 5.29
CA TYR A 62 13.89 -11.24 4.11
C TYR A 62 15.01 -11.12 3.09
N PRO A 63 15.10 -12.06 2.14
CA PRO A 63 16.15 -12.02 1.11
C PRO A 63 15.73 -11.04 0.02
N TYR A 64 16.72 -10.47 -0.69
CA TYR A 64 16.47 -9.52 -1.77
C TYR A 64 15.41 -8.50 -1.37
N CYS A 65 15.58 -7.91 -0.20
CA CYS A 65 14.63 -6.94 0.32
C CYS A 65 15.34 -5.64 0.73
N ASP A 66 14.69 -4.51 0.47
CA ASP A 66 15.26 -3.21 0.82
C ASP A 66 14.95 -2.82 2.25
N TYR A 67 15.96 -2.36 2.97
CA TYR A 67 15.80 -1.95 4.35
C TYR A 67 16.30 -0.54 4.62
N GLU A 68 15.67 0.13 5.59
CA GLU A 68 16.06 1.46 6.00
C GLU A 68 16.42 1.32 7.47
N MET A 69 17.33 2.17 7.94
CA MET A 69 17.74 2.06 9.33
C MET A 69 18.44 3.32 9.79
N LYS A 70 18.36 3.55 11.10
CA LYS A 70 18.99 4.70 11.73
C LYS A 70 19.34 4.26 13.15
N VAL A 71 20.23 5.01 13.80
CA VAL A 71 20.66 4.68 15.15
C VAL A 71 20.84 5.92 16.00
N CYS A 72 20.58 5.80 17.30
CA CYS A 72 20.77 6.92 18.22
C CYS A 72 21.62 6.39 19.37
N ALA A 73 22.12 7.29 20.21
CA ALA A 73 22.94 6.89 21.35
C ALA A 73 22.18 7.20 22.62
N TYR A 74 22.59 6.57 23.72
CA TYR A 74 21.96 6.83 25.01
C TYR A 74 23.03 6.78 26.11
N GLY A 75 22.75 7.50 27.20
CA GLY A 75 23.67 7.54 28.32
C GLY A 75 22.95 7.85 29.62
N ALA A 76 23.62 8.60 30.50
CA ALA A 76 23.05 8.94 31.79
C ALA A 76 21.82 9.84 31.73
N GLN A 77 21.82 10.79 30.80
CA GLN A 77 20.70 11.73 30.64
C GLN A 77 19.52 11.15 29.87
N GLY A 78 19.80 10.22 28.95
CA GLY A 78 18.74 9.61 28.17
C GLY A 78 19.20 9.35 26.74
N GLU A 79 18.28 9.44 25.79
CA GLU A 79 18.63 9.21 24.39
C GLU A 79 18.91 10.51 23.63
N GLY A 80 19.92 10.47 22.78
CA GLY A 80 20.25 11.62 21.96
C GLY A 80 19.48 11.52 20.65
N PRO A 81 19.74 12.43 19.69
CA PRO A 81 19.02 12.38 18.41
C PRO A 81 19.44 11.24 17.50
N TYR A 82 18.54 10.81 16.62
CA TYR A 82 18.86 9.73 15.68
C TYR A 82 19.75 10.20 14.54
N SER A 83 20.58 9.29 14.04
CA SER A 83 21.48 9.57 12.93
C SER A 83 20.61 9.75 11.68
N SER A 84 21.23 10.03 10.55
CA SER A 84 20.49 10.15 9.31
C SER A 84 20.09 8.73 8.91
N LEU A 85 19.20 8.63 7.92
CA LEU A 85 18.72 7.35 7.46
C LEU A 85 19.58 6.76 6.33
N VAL A 86 19.86 5.45 6.42
CA VAL A 86 20.62 4.77 5.38
C VAL A 86 19.75 3.62 4.86
N SER A 87 19.98 3.21 3.62
CA SER A 87 19.21 2.13 3.00
C SER A 87 20.17 1.04 2.55
N CYS A 88 19.66 -0.19 2.46
CA CYS A 88 20.49 -1.30 2.03
C CYS A 88 19.63 -2.51 1.66
N ARG A 89 20.04 -3.24 0.62
CA ARG A 89 19.29 -4.43 0.21
C ARG A 89 20.02 -5.72 0.54
N THR A 90 19.25 -6.72 0.98
CA THR A 90 19.82 -8.02 1.33
C THR A 90 20.18 -8.83 0.09
N HIS A 91 21.12 -9.76 0.23
CA HIS A 91 21.53 -10.62 -0.87
C HIS A 91 20.37 -11.51 -1.30
N GLN A 92 20.48 -12.07 -2.50
CA GLN A 92 19.47 -12.97 -3.02
C GLN A 92 19.68 -14.35 -2.41
N GLU A 93 18.70 -15.21 -2.57
CA GLU A 93 18.77 -16.57 -2.07
C GLU A 93 18.08 -17.38 -3.17
N VAL A 94 18.49 -18.62 -3.39
CA VAL A 94 17.87 -19.43 -4.45
C VAL A 94 16.35 -19.43 -4.26
N PRO A 95 15.60 -19.54 -5.36
CA PRO A 95 14.14 -19.55 -5.33
C PRO A 95 13.61 -20.84 -4.70
N SER A 96 12.33 -20.86 -4.38
CA SER A 96 11.71 -22.06 -3.82
C SER A 96 11.34 -22.88 -5.05
N GLU A 97 10.57 -23.95 -4.86
CA GLU A 97 10.16 -24.78 -5.99
C GLU A 97 9.13 -24.06 -6.84
N PRO A 98 9.11 -24.36 -8.15
CA PRO A 98 8.13 -23.73 -9.04
C PRO A 98 6.78 -24.27 -8.59
N GLY A 99 5.69 -23.77 -9.15
CA GLY A 99 4.38 -24.27 -8.75
C GLY A 99 4.17 -25.69 -9.23
N ARG A 100 3.16 -26.35 -8.70
CA ARG A 100 2.84 -27.74 -9.08
C ARG A 100 2.67 -27.84 -10.59
N LEU A 101 3.27 -28.88 -11.18
CA LEU A 101 3.21 -29.07 -12.62
C LEU A 101 1.83 -29.42 -13.18
N ALA A 102 1.49 -28.79 -14.30
CA ALA A 102 0.21 -29.03 -14.97
C ALA A 102 0.50 -29.60 -16.35
N PHE A 103 -0.28 -30.60 -16.77
CA PHE A 103 -0.07 -31.23 -18.06
C PHE A 103 -1.30 -31.25 -18.96
N ASN A 104 -1.09 -30.90 -20.23
CA ASN A 104 -2.15 -30.92 -21.22
C ASN A 104 -1.72 -31.96 -22.26
N VAL A 105 -2.56 -32.96 -22.51
CA VAL A 105 -2.22 -34.01 -23.46
C VAL A 105 -2.55 -33.56 -24.89
N VAL A 106 -1.52 -33.41 -25.71
CA VAL A 106 -1.71 -32.99 -27.09
C VAL A 106 -1.93 -34.22 -27.97
N SER A 107 -1.28 -35.33 -27.59
CA SER A 107 -1.41 -36.59 -28.32
C SER A 107 -0.72 -37.66 -27.48
N SER A 108 -0.73 -38.90 -27.96
CA SER A 108 -0.11 -40.00 -27.24
C SER A 108 1.40 -39.85 -27.09
N THR A 109 2.00 -38.89 -27.80
CA THR A 109 3.44 -38.70 -27.73
C THR A 109 3.85 -37.25 -27.47
N VAL A 110 2.88 -36.38 -27.21
CA VAL A 110 3.18 -34.97 -26.99
C VAL A 110 2.35 -34.37 -25.86
N THR A 111 2.99 -33.53 -25.05
CA THR A 111 2.31 -32.88 -23.95
C THR A 111 2.79 -31.44 -23.74
N GLN A 112 1.96 -30.64 -23.09
CA GLN A 112 2.33 -29.26 -22.79
C GLN A 112 2.50 -29.19 -21.28
N LEU A 113 3.70 -28.87 -20.83
CA LEU A 113 3.98 -28.76 -19.40
C LEU A 113 4.00 -27.30 -18.99
N SER A 114 3.25 -26.96 -17.95
CA SER A 114 3.22 -25.58 -17.46
C SER A 114 3.47 -25.56 -15.96
N TRP A 115 3.86 -24.41 -15.43
CA TRP A 115 4.11 -24.27 -14.00
C TRP A 115 4.07 -22.81 -13.58
N ALA A 116 3.71 -22.56 -12.33
CA ALA A 116 3.64 -21.20 -11.85
C ALA A 116 5.01 -20.79 -11.33
N GLU A 117 5.22 -19.49 -11.20
CA GLU A 117 6.49 -18.97 -10.70
C GLU A 117 6.58 -19.41 -9.23
N PRO A 118 7.78 -19.73 -8.73
CA PRO A 118 7.94 -20.15 -7.33
C PRO A 118 7.23 -19.21 -6.34
N ALA A 119 6.68 -19.77 -5.26
CA ALA A 119 5.99 -18.95 -4.26
C ALA A 119 6.96 -17.93 -3.67
N GLU A 120 8.25 -18.28 -3.62
CA GLU A 120 9.28 -17.38 -3.11
C GLU A 120 10.42 -17.29 -4.10
N THR A 121 10.49 -16.19 -4.83
CA THR A 121 11.54 -15.97 -5.81
C THR A 121 12.88 -15.68 -5.13
N ASN A 122 12.84 -14.96 -4.02
CA ASN A 122 14.03 -14.59 -3.25
C ASN A 122 15.08 -13.89 -4.11
N GLY A 123 14.63 -13.28 -5.19
CA GLY A 123 15.53 -12.60 -6.09
C GLY A 123 14.87 -12.34 -7.43
N GLU A 124 15.67 -12.28 -8.49
CA GLU A 124 15.13 -12.05 -9.82
C GLU A 124 15.35 -13.32 -10.62
N ILE A 125 14.26 -14.03 -10.92
CA ILE A 125 14.35 -15.26 -11.68
C ILE A 125 14.70 -14.96 -13.14
N THR A 126 15.74 -15.62 -13.63
CA THR A 126 16.22 -15.41 -14.99
C THR A 126 16.04 -16.63 -15.89
N ALA A 127 15.68 -17.77 -15.31
CA ALA A 127 15.50 -18.99 -16.11
C ALA A 127 14.93 -20.16 -15.32
N TYR A 128 14.56 -21.21 -16.06
CA TYR A 128 14.02 -22.45 -15.50
C TYR A 128 14.70 -23.56 -16.26
N GLU A 129 14.74 -24.75 -15.67
CA GLU A 129 15.31 -25.89 -16.36
C GLU A 129 14.30 -27.02 -16.23
N VAL A 130 13.90 -27.61 -17.36
CA VAL A 130 12.97 -28.72 -17.34
C VAL A 130 13.76 -30.00 -17.58
N CYS A 131 13.48 -31.04 -16.78
CA CYS A 131 14.18 -32.32 -16.91
C CYS A 131 13.13 -33.43 -16.89
N TYR A 132 13.31 -34.47 -17.70
CA TYR A 132 12.37 -35.57 -17.74
C TYR A 132 12.97 -36.83 -18.32
N GLY A 133 12.44 -37.98 -17.91
CA GLY A 133 12.92 -39.26 -18.40
C GLY A 133 12.00 -40.40 -17.97
N LEU A 134 12.20 -41.58 -18.55
CA LEU A 134 11.37 -42.75 -18.23
C LEU A 134 11.63 -43.28 -16.81
N VAL A 135 10.56 -43.76 -16.17
CA VAL A 135 10.62 -44.35 -14.85
C VAL A 135 9.91 -45.70 -14.89
N ASN A 136 10.27 -46.61 -13.98
CA ASN A 136 9.63 -47.92 -13.92
C ASN A 136 8.31 -47.77 -13.17
N ASP A 137 7.66 -48.89 -12.86
CA ASP A 137 6.37 -48.85 -12.16
C ASP A 137 6.48 -48.32 -10.74
N ASP A 138 7.69 -48.30 -10.20
CA ASP A 138 7.93 -47.81 -8.85
C ASP A 138 8.31 -46.33 -8.90
N ASN A 139 8.16 -45.74 -10.10
CA ASN A 139 8.48 -44.34 -10.35
C ASN A 139 9.98 -44.07 -10.31
N ARG A 140 10.78 -45.12 -10.48
CA ARG A 140 12.24 -44.94 -10.46
C ARG A 140 12.83 -44.78 -11.85
N PRO A 141 13.62 -43.71 -12.07
CA PRO A 141 14.23 -43.47 -13.38
C PRO A 141 14.92 -44.72 -13.91
N ILE A 142 14.70 -45.04 -15.18
CA ILE A 142 15.30 -46.23 -15.78
C ILE A 142 16.06 -45.89 -17.05
N GLY A 143 16.28 -44.60 -17.27
CA GLY A 143 17.01 -44.14 -18.45
C GLY A 143 17.55 -42.75 -18.23
N PRO A 144 18.37 -42.23 -19.15
CA PRO A 144 18.96 -40.89 -19.04
C PRO A 144 17.87 -39.82 -19.00
N MET A 145 18.21 -38.65 -18.47
CA MET A 145 17.26 -37.54 -18.41
C MET A 145 17.45 -36.65 -19.63
N LYS A 146 16.39 -35.97 -20.02
CA LYS A 146 16.46 -35.02 -21.13
C LYS A 146 16.31 -33.68 -20.42
N LYS A 147 17.14 -32.72 -20.77
CA LYS A 147 17.10 -31.41 -20.13
C LYS A 147 16.92 -30.26 -21.10
N VAL A 148 16.06 -29.32 -20.74
CA VAL A 148 15.77 -28.17 -21.58
C VAL A 148 15.89 -26.89 -20.77
N LEU A 149 16.77 -26.01 -21.20
CA LEU A 149 16.97 -24.74 -20.53
C LEU A 149 15.96 -23.73 -21.08
N VAL A 150 15.20 -23.11 -20.20
CA VAL A 150 14.20 -22.12 -20.59
C VAL A 150 14.76 -20.75 -20.25
N ASP A 151 15.26 -20.04 -21.26
CA ASP A 151 15.87 -18.72 -21.10
C ASP A 151 14.93 -17.57 -20.78
N ASN A 152 13.70 -17.64 -21.24
CA ASN A 152 12.74 -16.57 -20.99
C ASN A 152 11.81 -16.94 -19.84
N PRO A 153 12.07 -16.39 -18.64
CA PRO A 153 11.30 -16.62 -17.40
C PRO A 153 9.79 -16.40 -17.46
N LYS A 154 9.32 -15.70 -18.49
CA LYS A 154 7.89 -15.47 -18.63
C LYS A 154 7.26 -16.65 -19.39
N ASN A 155 8.10 -17.43 -20.06
CA ASN A 155 7.60 -18.57 -20.82
C ASN A 155 7.53 -19.78 -19.90
N ARG A 156 6.48 -19.84 -19.07
CA ARG A 156 6.33 -20.94 -18.14
C ARG A 156 5.50 -22.10 -18.67
N MET A 157 5.69 -22.42 -19.94
CA MET A 157 5.01 -23.55 -20.57
C MET A 157 5.94 -24.10 -21.63
N LEU A 158 6.04 -25.42 -21.69
CA LEU A 158 6.91 -26.06 -22.67
C LEU A 158 6.24 -27.23 -23.37
N LEU A 159 6.37 -27.27 -24.70
CA LEU A 159 5.81 -28.35 -25.48
C LEU A 159 6.89 -29.42 -25.53
N ILE A 160 6.53 -30.65 -25.19
CA ILE A 160 7.48 -31.76 -25.20
C ILE A 160 6.92 -32.84 -26.10
N GLU A 161 7.66 -33.19 -27.14
CA GLU A 161 7.21 -34.21 -28.07
C GLU A 161 8.17 -35.39 -28.16
N ASN A 162 7.81 -36.35 -29.00
CA ASN A 162 8.61 -37.55 -29.20
C ASN A 162 8.66 -38.45 -27.95
N LEU A 163 7.66 -38.32 -27.10
CA LEU A 163 7.57 -39.13 -25.89
C LEU A 163 7.13 -40.55 -26.28
N ARG A 164 7.64 -41.55 -25.58
CA ARG A 164 7.29 -42.94 -25.86
C ARG A 164 5.84 -43.21 -25.49
N GLU A 165 5.05 -43.71 -26.45
CA GLU A 165 3.65 -43.99 -26.21
C GLU A 165 3.38 -44.88 -25.01
N SER A 166 2.39 -44.45 -24.21
CA SER A 166 1.97 -45.20 -23.04
C SER A 166 3.01 -45.55 -21.99
N GLN A 167 4.09 -44.77 -21.89
CA GLN A 167 5.12 -45.01 -20.87
C GLN A 167 5.13 -43.88 -19.84
N PRO A 168 5.35 -44.20 -18.56
CA PRO A 168 5.38 -43.15 -17.53
C PRO A 168 6.71 -42.38 -17.56
N TYR A 169 6.63 -41.09 -17.26
CA TYR A 169 7.82 -40.23 -17.25
C TYR A 169 7.87 -39.39 -15.98
N ARG A 170 9.07 -39.10 -15.49
CA ARG A 170 9.19 -38.24 -14.33
C ARG A 170 9.60 -36.87 -14.86
N TYR A 171 8.85 -35.83 -14.51
CA TYR A 171 9.16 -34.47 -14.96
C TYR A 171 9.54 -33.59 -13.77
N THR A 172 10.51 -32.71 -13.96
CA THR A 172 10.90 -31.77 -12.89
C THR A 172 11.21 -30.40 -13.47
N VAL A 173 10.94 -29.37 -12.68
CA VAL A 173 11.22 -28.00 -13.08
C VAL A 173 11.88 -27.33 -11.89
N LYS A 174 13.00 -26.63 -12.14
CA LYS A 174 13.73 -25.90 -11.11
C LYS A 174 14.02 -24.49 -11.66
N ALA A 175 14.13 -23.50 -10.77
CA ALA A 175 14.34 -22.11 -11.19
C ALA A 175 15.66 -21.50 -10.76
N ARG A 176 16.14 -20.52 -11.54
CA ARG A 176 17.38 -19.85 -11.22
C ARG A 176 17.26 -18.33 -11.10
N ASN A 177 18.03 -17.76 -10.16
CA ASN A 177 18.10 -16.31 -9.97
C ASN A 177 19.56 -15.99 -9.68
N GLY A 178 19.81 -14.80 -9.14
CA GLY A 178 21.18 -14.39 -8.86
C GLY A 178 21.96 -15.32 -7.93
N ALA A 179 21.26 -15.96 -7.00
CA ALA A 179 21.92 -16.85 -6.04
C ALA A 179 22.13 -18.27 -6.58
N GLY A 180 21.54 -18.58 -7.73
CA GLY A 180 21.69 -19.91 -8.31
C GLY A 180 20.37 -20.64 -8.49
N TRP A 181 20.45 -21.97 -8.61
CA TRP A 181 19.26 -22.81 -8.80
C TRP A 181 18.62 -23.25 -7.49
N GLY A 182 17.29 -23.34 -7.47
CA GLY A 182 16.59 -23.78 -6.28
C GLY A 182 16.16 -25.24 -6.41
N PRO A 183 15.32 -25.75 -5.48
CA PRO A 183 14.86 -27.13 -5.50
C PRO A 183 13.87 -27.39 -6.65
N GLU A 184 13.68 -28.65 -7.02
CA GLU A 184 12.77 -29.01 -8.12
C GLU A 184 11.36 -29.37 -7.71
N ARG A 185 10.41 -29.09 -8.60
CA ARG A 185 8.99 -29.43 -8.43
C ARG A 185 8.88 -30.69 -9.30
N GLU A 186 8.24 -31.74 -8.81
CA GLU A 186 8.17 -33.00 -9.54
C GLU A 186 6.79 -33.55 -9.85
N ALA A 187 6.71 -34.41 -10.87
CA ALA A 187 5.47 -35.06 -11.26
C ALA A 187 5.73 -36.29 -12.11
N ILE A 188 5.01 -37.37 -11.81
CA ILE A 188 5.11 -38.62 -12.55
C ILE A 188 3.85 -38.66 -13.41
N ILE A 189 4.03 -38.71 -14.73
CA ILE A 189 2.92 -38.68 -15.67
C ILE A 189 3.02 -39.69 -16.81
N ASN A 190 1.90 -40.30 -17.16
CA ASN A 190 1.83 -41.25 -18.27
C ASN A 190 0.69 -40.72 -19.14
N LEU A 191 1.02 -40.17 -20.30
CA LEU A 191 0.00 -39.61 -21.17
C LEU A 191 -1.17 -40.51 -21.50
N ALA A 192 -0.97 -41.82 -21.39
CA ALA A 192 -2.04 -42.76 -21.70
C ALA A 192 -3.08 -42.89 -20.57
N THR A 193 -2.67 -42.56 -19.34
CA THR A 193 -3.58 -42.66 -18.21
C THR A 193 -4.03 -41.28 -17.70
N GLN A 194 -3.83 -40.25 -18.50
CA GLN A 194 -4.22 -38.91 -18.12
C GLN A 194 -5.68 -38.65 -18.52
N PRO A 195 -6.39 -37.80 -17.78
CA PRO A 195 -7.79 -37.50 -18.08
C PRO A 195 -7.91 -36.63 -19.33
N LEU B 2 -8.49 45.98 29.61
CA LEU B 2 -7.98 44.72 28.98
C LEU B 2 -8.09 44.86 27.46
N GLY B 3 -6.95 44.82 26.79
CA GLY B 3 -6.93 44.95 25.34
C GLY B 3 -7.40 43.74 24.57
N ALA B 4 -7.42 43.86 23.25
CA ALA B 4 -7.83 42.77 22.37
C ALA B 4 -6.60 41.98 21.96
N PRO B 5 -6.73 40.64 21.89
CA PRO B 5 -5.54 39.87 21.48
C PRO B 5 -5.17 40.30 20.08
N GLN B 6 -3.88 40.42 19.80
CA GLN B 6 -3.48 40.86 18.47
C GLN B 6 -2.82 39.75 17.68
N ASN B 7 -2.60 40.02 16.39
CA ASN B 7 -1.98 39.08 15.47
C ASN B 7 -2.63 37.69 15.49
N PRO B 8 -3.95 37.63 15.39
CA PRO B 8 -4.54 36.28 15.39
C PRO B 8 -4.27 35.62 14.05
N ASN B 9 -4.09 34.31 14.04
CA ASN B 9 -3.86 33.61 12.78
C ASN B 9 -4.19 32.11 12.89
N ALA B 10 -4.88 31.62 11.87
CA ALA B 10 -5.29 30.23 11.84
C ALA B 10 -4.56 29.45 10.75
N LYS B 11 -4.36 28.16 10.99
CA LYS B 11 -3.67 27.29 10.04
C LYS B 11 -4.25 25.88 10.13
N ALA B 12 -4.58 25.29 9.00
CA ALA B 12 -5.11 23.93 9.01
C ALA B 12 -4.03 23.07 9.63
N ALA B 13 -4.38 22.25 10.61
CA ALA B 13 -3.39 21.39 11.26
C ALA B 13 -3.92 19.98 11.43
N GLY B 14 -3.54 19.10 10.51
CA GLY B 14 -4.00 17.73 10.59
C GLY B 14 -5.41 17.59 10.04
N SER B 15 -6.02 16.45 10.34
CA SER B 15 -7.36 16.13 9.87
C SER B 15 -8.47 16.77 10.67
N ARG B 16 -9.39 17.46 9.98
CA ARG B 16 -10.52 18.09 10.64
C ARG B 16 -10.08 18.97 11.81
N LYS B 17 -8.95 19.65 11.66
CA LYS B 17 -8.46 20.52 12.73
C LYS B 17 -7.80 21.79 12.22
N ILE B 18 -7.81 22.81 13.08
CA ILE B 18 -7.23 24.12 12.81
C ILE B 18 -6.49 24.63 14.06
N HIS B 19 -5.25 25.07 13.88
CA HIS B 19 -4.45 25.61 14.98
C HIS B 19 -4.68 27.12 14.95
N PHE B 20 -5.27 27.65 16.01
CA PHE B 20 -5.55 29.08 16.09
C PHE B 20 -4.75 29.66 17.26
N ASN B 21 -3.92 30.67 16.97
CA ASN B 21 -3.13 31.31 18.01
C ASN B 21 -3.17 32.83 17.90
N TRP B 22 -2.68 33.50 18.94
CA TRP B 22 -2.69 34.95 19.01
C TRP B 22 -1.69 35.41 20.06
N LEU B 23 -1.53 36.73 20.18
CA LEU B 23 -0.62 37.30 21.16
C LEU B 23 -1.40 37.78 22.38
N PRO B 24 -0.88 37.53 23.59
CA PRO B 24 -1.58 37.97 24.80
C PRO B 24 -1.85 39.47 24.70
N PRO B 25 -3.01 39.93 25.17
CA PRO B 25 -3.32 41.35 25.09
C PRO B 25 -2.55 42.18 26.12
N SER B 26 -2.89 43.46 26.15
CA SER B 26 -2.28 44.39 27.08
C SER B 26 -3.08 44.23 28.37
N GLY B 27 -2.40 44.08 29.49
CA GLY B 27 -3.11 43.93 30.76
C GLY B 27 -2.87 42.60 31.45
N LYS B 28 -3.81 42.21 32.31
CA LYS B 28 -3.72 40.96 33.07
C LYS B 28 -4.80 39.96 32.66
N PRO B 29 -4.59 39.23 31.55
CA PRO B 29 -5.57 38.24 31.09
C PRO B 29 -5.52 36.94 31.89
N MET B 30 -6.69 36.48 32.34
CA MET B 30 -6.78 35.24 33.10
C MET B 30 -7.06 34.05 32.18
N GLY B 31 -7.50 34.34 30.97
CA GLY B 31 -7.80 33.29 30.02
C GLY B 31 -8.37 33.89 28.77
N TYR B 32 -8.83 33.04 27.85
CA TYR B 32 -9.36 33.50 26.58
C TYR B 32 -10.60 32.73 26.15
N ARG B 33 -11.51 33.43 25.48
CA ARG B 33 -12.69 32.78 24.94
C ARG B 33 -12.57 32.87 23.42
N VAL B 34 -12.61 31.72 22.76
CA VAL B 34 -12.52 31.66 21.32
C VAL B 34 -13.90 31.36 20.74
N LYS B 35 -14.28 32.11 19.70
CA LYS B 35 -15.56 31.90 19.05
C LYS B 35 -15.26 31.53 17.61
N TYR B 36 -15.87 30.47 17.11
CA TYR B 36 -15.62 30.07 15.72
C TYR B 36 -16.87 29.47 15.07
N TRP B 37 -16.96 29.62 13.76
CA TRP B 37 -18.11 29.12 13.03
C TRP B 37 -17.81 28.87 11.55
N ILE B 38 -18.65 28.06 10.92
CA ILE B 38 -18.50 27.76 9.50
C ILE B 38 -18.83 29.05 8.75
N GLN B 39 -17.88 29.51 7.92
CA GLN B 39 -18.07 30.74 7.17
C GLN B 39 -19.39 30.79 6.42
N GLY B 40 -20.10 31.90 6.54
CA GLY B 40 -21.37 32.02 5.87
C GLY B 40 -22.54 31.72 6.79
N ASP B 41 -22.25 31.19 7.97
CA ASP B 41 -23.29 30.89 8.93
C ASP B 41 -23.36 31.98 9.98
N SER B 42 -24.52 32.10 10.62
CA SER B 42 -24.73 33.11 11.66
C SER B 42 -23.86 32.83 12.88
N GLU B 43 -23.27 33.88 13.45
CA GLU B 43 -22.45 33.70 14.64
C GLU B 43 -23.34 33.03 15.69
N SER B 44 -24.64 33.01 15.42
CA SER B 44 -25.59 32.37 16.32
C SER B 44 -25.27 30.88 16.29
N GLU B 45 -24.59 30.46 15.23
CA GLU B 45 -24.19 29.06 15.04
C GLU B 45 -22.73 28.87 15.43
N ALA B 46 -22.18 29.82 16.18
CA ALA B 46 -20.79 29.75 16.60
C ALA B 46 -20.56 28.80 17.76
N HIS B 47 -19.37 28.21 17.80
CA HIS B 47 -18.98 27.29 18.87
C HIS B 47 -18.05 28.09 19.80
N LEU B 48 -18.12 27.78 21.09
CA LEU B 48 -17.34 28.51 22.09
C LEU B 48 -16.33 27.66 22.86
N LEU B 49 -15.08 28.08 22.83
CA LEU B 49 -14.02 27.40 23.56
C LEU B 49 -13.34 28.36 24.50
N ASP B 50 -12.86 27.83 25.62
CA ASP B 50 -12.14 28.62 26.62
C ASP B 50 -10.72 28.08 26.62
N SER B 51 -9.73 28.94 26.85
CA SER B 51 -8.35 28.50 26.87
C SER B 51 -7.52 29.37 27.80
N LYS B 52 -6.61 28.73 28.52
CA LYS B 52 -5.75 29.42 29.46
C LYS B 52 -4.47 29.89 28.80
N VAL B 53 -4.17 29.31 27.64
CA VAL B 53 -2.97 29.69 26.90
C VAL B 53 -3.35 30.39 25.61
N PRO B 54 -2.47 31.26 25.09
CA PRO B 54 -2.73 32.01 23.85
C PRO B 54 -2.73 31.15 22.59
N SER B 55 -3.35 29.97 22.68
CA SER B 55 -3.41 29.06 21.55
C SER B 55 -4.45 27.97 21.80
N VAL B 56 -5.05 27.46 20.72
CA VAL B 56 -6.03 26.40 20.86
C VAL B 56 -6.14 25.56 19.59
N GLU B 57 -6.59 24.33 19.76
CA GLU B 57 -6.78 23.40 18.66
C GLU B 57 -8.27 23.24 18.42
N LEU B 58 -8.76 23.67 17.26
CA LEU B 58 -10.17 23.51 16.96
C LEU B 58 -10.26 22.11 16.33
N THR B 59 -11.09 21.24 16.91
CA THR B 59 -11.25 19.88 16.40
C THR B 59 -12.69 19.52 16.04
N ASN B 60 -12.88 18.33 15.48
CA ASN B 60 -14.20 17.85 15.05
C ASN B 60 -14.82 18.75 14.00
N LEU B 61 -13.97 19.33 13.16
CA LEU B 61 -14.42 20.21 12.10
C LEU B 61 -14.79 19.40 10.86
N TYR B 62 -15.43 20.05 9.90
CA TYR B 62 -15.79 19.41 8.64
C TYR B 62 -14.58 19.55 7.73
N PRO B 63 -14.30 18.53 6.91
CA PRO B 63 -13.15 18.69 6.03
C PRO B 63 -13.44 19.66 4.89
N TYR B 64 -12.37 20.21 4.31
CA TYR B 64 -12.47 21.16 3.20
C TYR B 64 -13.60 22.17 3.43
N CYS B 65 -13.63 22.77 4.61
CA CYS B 65 -14.66 23.74 4.96
C CYS B 65 -14.04 25.04 5.51
N ASP B 66 -14.54 26.18 5.03
CA ASP B 66 -14.04 27.48 5.49
C ASP B 66 -14.63 27.82 6.84
N TYR B 67 -13.78 28.25 7.76
CA TYR B 67 -14.19 28.65 9.11
C TYR B 67 -13.68 30.06 9.39
N GLU B 68 -14.43 30.79 10.20
CA GLU B 68 -14.04 32.13 10.62
C GLU B 68 -13.92 32.05 12.13
N MET B 69 -13.04 32.86 12.72
CA MET B 69 -12.87 32.83 14.15
C MET B 69 -12.27 34.12 14.69
N LYS B 70 -12.41 34.31 15.99
CA LYS B 70 -11.89 35.49 16.68
C LYS B 70 -11.75 35.11 18.15
N VAL B 71 -10.94 35.87 18.89
CA VAL B 71 -10.69 35.56 20.29
C VAL B 71 -10.63 36.81 21.17
N CYS B 72 -11.01 36.66 22.43
CA CYS B 72 -10.95 37.76 23.40
C CYS B 72 -10.35 37.23 24.69
N ALA B 73 -9.88 38.14 25.52
CA ALA B 73 -9.29 37.76 26.80
C ALA B 73 -10.28 38.18 27.87
N TYR B 74 -10.20 37.54 29.04
CA TYR B 74 -11.07 37.90 30.14
C TYR B 74 -10.23 38.05 31.40
N GLY B 75 -10.63 39.00 32.26
CA GLY B 75 -9.88 39.24 33.47
C GLY B 75 -10.73 39.68 34.64
N ALA B 76 -10.07 40.27 35.65
CA ALA B 76 -10.74 40.72 36.85
C ALA B 76 -11.96 41.61 36.58
N GLN B 77 -11.89 42.36 35.49
CA GLN B 77 -12.98 43.27 35.15
C GLN B 77 -13.94 42.69 34.12
N GLY B 78 -13.69 41.46 33.69
CA GLY B 78 -14.56 40.84 32.70
C GLY B 78 -13.85 40.64 31.37
N GLU B 79 -14.63 40.60 30.29
CA GLU B 79 -14.09 40.38 28.96
C GLU B 79 -13.62 41.64 28.24
N GLY B 80 -12.50 41.52 27.54
CA GLY B 80 -11.99 42.64 26.78
C GLY B 80 -12.58 42.53 25.39
N PRO B 81 -12.28 43.47 24.49
CA PRO B 81 -12.84 43.40 23.14
C PRO B 81 -12.24 42.23 22.34
N TYR B 82 -12.97 41.77 21.33
CA TYR B 82 -12.49 40.66 20.49
C TYR B 82 -11.42 41.08 19.50
N SER B 83 -10.61 40.10 19.10
CA SER B 83 -9.56 40.33 18.12
C SER B 83 -10.22 40.55 16.77
N SER B 84 -9.41 40.80 15.75
CA SER B 84 -9.92 40.96 14.39
C SER B 84 -10.29 39.54 13.96
N LEU B 85 -11.05 39.44 12.88
CA LEU B 85 -11.50 38.14 12.39
C LEU B 85 -10.49 37.46 11.48
N VAL B 86 -10.34 36.14 11.63
CA VAL B 86 -9.44 35.37 10.77
C VAL B 86 -10.21 34.19 10.17
N SER B 87 -9.84 33.81 8.95
CA SER B 87 -10.49 32.72 8.24
C SER B 87 -9.46 31.65 7.89
N CYS B 88 -9.90 30.41 7.82
CA CYS B 88 -9.02 29.29 7.49
C CYS B 88 -9.85 28.12 7.00
N ARG B 89 -9.33 27.39 6.03
CA ARG B 89 -10.05 26.23 5.51
C ARG B 89 -9.37 24.93 5.90
N THR B 90 -10.17 23.97 6.34
CA THR B 90 -9.68 22.67 6.75
C THR B 90 -9.20 21.86 5.54
N HIS B 91 -8.27 20.94 5.79
CA HIS B 91 -7.75 20.09 4.73
C HIS B 91 -8.85 19.19 4.18
N GLN B 92 -8.57 18.57 3.04
CA GLN B 92 -9.53 17.65 2.42
C GLN B 92 -9.31 16.25 3.00
N GLU B 93 -10.33 15.40 2.87
CA GLU B 93 -10.27 14.00 3.30
C GLU B 93 -10.76 13.26 2.04
N VAL B 94 -10.46 11.98 1.89
CA VAL B 94 -10.95 11.28 0.69
C VAL B 94 -12.48 11.29 0.72
N PRO B 95 -13.12 11.26 -0.45
CA PRO B 95 -14.58 11.27 -0.56
C PRO B 95 -15.19 9.98 -0.03
N SER B 96 -16.50 9.99 0.21
CA SER B 96 -17.19 8.79 0.63
C SER B 96 -17.40 8.05 -0.69
N GLU B 97 -18.13 6.93 -0.69
CA GLU B 97 -18.32 6.23 -1.94
C GLU B 97 -19.37 6.90 -2.83
N PRO B 98 -19.30 6.65 -4.15
CA PRO B 98 -20.27 7.25 -5.08
C PRO B 98 -21.66 6.73 -4.73
N GLY B 99 -22.70 7.28 -5.35
CA GLY B 99 -24.04 6.81 -5.05
C GLY B 99 -24.23 5.41 -5.62
N ARG B 100 -25.27 4.70 -5.17
CA ARG B 100 -25.53 3.34 -5.65
C ARG B 100 -25.52 3.32 -7.18
N LEU B 101 -24.83 2.35 -7.75
CA LEU B 101 -24.73 2.24 -9.20
C LEU B 101 -26.07 1.97 -9.88
N ALA B 102 -26.33 2.69 -10.98
CA ALA B 102 -27.57 2.53 -11.73
C ALA B 102 -27.29 2.01 -13.13
N PHE B 103 -27.99 0.95 -13.51
CA PHE B 103 -27.81 0.38 -14.84
C PHE B 103 -29.07 0.43 -15.68
N ASN B 104 -28.90 0.76 -16.94
CA ASN B 104 -30.01 0.80 -17.89
C ASN B 104 -29.54 -0.12 -19.01
N VAL B 105 -29.96 -1.37 -18.97
CA VAL B 105 -29.57 -2.35 -19.97
C VAL B 105 -29.94 -1.88 -21.37
N VAL B 106 -28.99 -1.96 -22.28
CA VAL B 106 -29.23 -1.55 -23.66
C VAL B 106 -29.40 -2.77 -24.54
N SER B 107 -28.39 -3.63 -24.52
CA SER B 107 -28.39 -4.85 -25.30
C SER B 107 -27.97 -5.99 -24.38
N SER B 108 -27.79 -7.17 -24.97
CA SER B 108 -27.40 -8.34 -24.20
C SER B 108 -25.91 -8.24 -23.88
N THR B 109 -25.22 -7.32 -24.55
CA THR B 109 -23.79 -7.12 -24.36
C THR B 109 -23.45 -5.65 -24.12
N VAL B 110 -24.45 -4.82 -23.85
CA VAL B 110 -24.21 -3.40 -23.63
C VAL B 110 -25.11 -2.79 -22.56
N THR B 111 -24.52 -1.95 -21.72
CA THR B 111 -25.29 -1.29 -20.67
C THR B 111 -24.74 0.10 -20.36
N GLN B 112 -25.63 0.99 -19.93
CA GLN B 112 -25.23 2.32 -19.55
C GLN B 112 -25.08 2.26 -18.03
N LEU B 113 -24.00 2.85 -17.52
CA LEU B 113 -23.74 2.86 -16.08
C LEU B 113 -23.67 4.29 -15.57
N SER B 114 -24.33 4.57 -14.46
CA SER B 114 -24.31 5.90 -13.88
C SER B 114 -24.26 5.85 -12.35
N TRP B 115 -23.88 6.98 -11.76
CA TRP B 115 -23.78 7.06 -10.32
C TRP B 115 -23.83 8.53 -9.90
N ALA B 116 -24.32 8.77 -8.68
CA ALA B 116 -24.40 10.12 -8.16
C ALA B 116 -23.09 10.46 -7.47
N GLU B 117 -22.86 11.75 -7.25
CA GLU B 117 -21.65 12.22 -6.59
C GLU B 117 -21.67 11.71 -5.14
N PRO B 118 -20.49 11.45 -4.56
CA PRO B 118 -20.44 10.97 -3.18
C PRO B 118 -21.20 11.88 -2.21
N ALA B 119 -21.89 11.30 -1.24
CA ALA B 119 -22.65 12.07 -0.25
C ALA B 119 -21.70 13.07 0.41
N GLU B 120 -20.51 12.60 0.78
CA GLU B 120 -19.52 13.47 1.38
C GLU B 120 -18.35 13.57 0.42
N THR B 121 -18.24 14.70 -0.27
CA THR B 121 -17.15 14.89 -1.22
C THR B 121 -15.85 15.15 -0.45
N ASN B 122 -15.99 15.80 0.71
CA ASN B 122 -14.86 16.13 1.58
C ASN B 122 -13.73 16.82 0.85
N GLY B 123 -14.05 17.46 -0.27
CA GLY B 123 -13.06 18.15 -1.06
C GLY B 123 -13.58 18.33 -2.47
N GLU B 124 -12.72 18.71 -3.41
CA GLU B 124 -13.16 18.91 -4.78
C GLU B 124 -12.83 17.69 -5.63
N ILE B 125 -13.85 16.92 -5.98
CA ILE B 125 -13.65 15.73 -6.78
C ILE B 125 -13.14 16.08 -8.18
N THR B 126 -12.04 15.44 -8.60
CA THR B 126 -11.48 15.72 -9.91
C THR B 126 -11.54 14.50 -10.84
N ALA B 127 -11.99 13.36 -10.34
CA ALA B 127 -12.06 12.17 -11.17
C ALA B 127 -12.70 10.96 -10.50
N TYR B 128 -13.11 10.00 -11.34
CA TYR B 128 -13.72 8.75 -10.90
C TYR B 128 -13.02 7.64 -11.66
N GLU B 129 -13.05 6.43 -11.12
CA GLU B 129 -12.47 5.28 -11.81
C GLU B 129 -13.50 4.15 -11.80
N VAL B 130 -13.82 3.64 -12.97
CA VAL B 130 -14.78 2.55 -13.10
C VAL B 130 -14.01 1.26 -13.36
N CYS B 131 -14.35 0.22 -12.62
N CYS B 131 -14.37 0.21 -12.63
CA CYS B 131 -13.68 -1.07 -12.78
CA CYS B 131 -13.69 -1.06 -12.78
C CYS B 131 -14.74 -2.16 -12.91
C CYS B 131 -14.72 -2.17 -12.89
N TYR B 132 -14.50 -3.12 -13.79
CA TYR B 132 -15.45 -4.22 -13.96
C TYR B 132 -14.79 -5.47 -14.54
N GLY B 133 -15.35 -6.62 -14.19
CA GLY B 133 -14.84 -7.88 -14.67
C GLY B 133 -15.74 -9.03 -14.30
N LEU B 134 -15.49 -10.19 -14.90
CA LEU B 134 -16.28 -11.40 -14.67
C LEU B 134 -16.11 -11.96 -13.26
N VAL B 135 -17.18 -12.50 -12.71
CA VAL B 135 -17.16 -13.12 -11.38
C VAL B 135 -17.75 -14.51 -11.49
N ASN B 136 -17.42 -15.38 -10.54
CA ASN B 136 -17.95 -16.74 -10.55
C ASN B 136 -19.27 -16.79 -9.82
N ASP B 137 -19.75 -17.99 -9.51
CA ASP B 137 -21.01 -18.16 -8.82
C ASP B 137 -21.04 -17.46 -7.47
N ASP B 138 -19.88 -17.42 -6.80
CA ASP B 138 -19.75 -16.79 -5.49
C ASP B 138 -19.45 -15.30 -5.58
N ASN B 139 -19.70 -14.70 -6.75
CA ASN B 139 -19.44 -13.29 -6.96
C ASN B 139 -17.96 -12.96 -6.77
N ARG B 140 -17.11 -13.95 -7.00
CA ARG B 140 -15.67 -13.79 -6.86
C ARG B 140 -15.06 -13.50 -8.24
N PRO B 141 -14.34 -12.39 -8.37
CA PRO B 141 -13.72 -12.06 -9.66
C PRO B 141 -12.96 -13.28 -10.20
N ILE B 142 -13.22 -13.64 -11.44
CA ILE B 142 -12.55 -14.78 -12.06
C ILE B 142 -11.88 -14.38 -13.36
N GLY B 143 -10.90 -13.49 -13.28
CA GLY B 143 -10.22 -13.04 -14.47
C GLY B 143 -9.65 -11.64 -14.34
N PRO B 144 -9.34 -11.00 -15.47
CA PRO B 144 -8.78 -9.63 -15.45
C PRO B 144 -9.84 -8.55 -15.20
N MET B 145 -9.39 -7.44 -14.63
N MET B 145 -9.41 -7.45 -14.61
CA MET B 145 -10.27 -6.32 -14.32
CA MET B 145 -10.32 -6.33 -14.32
C MET B 145 -10.07 -5.18 -15.34
C MET B 145 -10.08 -5.19 -15.31
N LYS B 146 -11.15 -4.74 -15.95
CA LYS B 146 -11.08 -3.65 -16.93
C LYS B 146 -11.26 -2.31 -16.21
N LYS B 147 -10.43 -1.33 -16.54
CA LYS B 147 -10.51 -0.02 -15.88
C LYS B 147 -10.63 1.19 -16.79
N VAL B 148 -11.62 2.03 -16.50
CA VAL B 148 -11.84 3.25 -17.28
C VAL B 148 -11.71 4.44 -16.36
N LEU B 149 -10.79 5.34 -16.69
CA LEU B 149 -10.57 6.52 -15.88
C LEU B 149 -11.47 7.64 -16.39
N VAL B 150 -12.18 8.29 -15.48
CA VAL B 150 -13.07 9.38 -15.84
C VAL B 150 -12.42 10.66 -15.32
N ASP B 151 -11.89 11.48 -16.22
CA ASP B 151 -11.21 12.72 -15.84
C ASP B 151 -12.10 13.93 -15.61
N ASN B 152 -13.31 13.89 -16.16
CA ASN B 152 -14.25 14.99 -15.97
C ASN B 152 -15.25 14.52 -14.92
N PRO B 153 -15.15 15.05 -13.69
CA PRO B 153 -16.04 14.67 -12.60
C PRO B 153 -17.52 14.93 -12.87
N LYS B 154 -17.82 15.76 -13.87
CA LYS B 154 -19.21 16.06 -14.23
C LYS B 154 -19.86 14.95 -15.06
N ASN B 155 -19.05 14.15 -15.74
CA ASN B 155 -19.57 13.07 -16.57
C ASN B 155 -19.68 11.78 -15.76
N ARG B 156 -20.79 11.66 -15.03
CA ARG B 156 -21.02 10.51 -14.16
C ARG B 156 -21.93 9.46 -14.80
N MET B 157 -21.64 9.15 -16.06
CA MET B 157 -22.39 8.16 -16.80
C MET B 157 -21.43 7.60 -17.83
N LEU B 158 -21.40 6.28 -17.96
CA LEU B 158 -20.49 5.62 -18.88
C LEU B 158 -21.18 4.50 -19.66
N LEU B 159 -20.89 4.39 -20.94
CA LEU B 159 -21.49 3.36 -21.77
C LEU B 159 -20.51 2.21 -21.88
N ILE B 160 -20.92 1.03 -21.42
CA ILE B 160 -20.05 -0.13 -21.47
C ILE B 160 -20.50 -1.15 -22.52
N GLU B 161 -19.59 -1.51 -23.42
CA GLU B 161 -19.89 -2.44 -24.50
C GLU B 161 -19.02 -3.68 -24.50
N ASN B 162 -19.32 -4.59 -25.43
CA ASN B 162 -18.58 -5.83 -25.58
C ASN B 162 -18.55 -6.72 -24.34
N LEU B 163 -19.64 -6.72 -23.57
CA LEU B 163 -19.73 -7.56 -22.38
C LEU B 163 -20.19 -8.95 -22.86
N ARG B 164 -19.70 -10.00 -22.22
CA ARG B 164 -20.10 -11.35 -22.62
C ARG B 164 -21.56 -11.63 -22.25
N GLU B 165 -22.29 -12.17 -23.22
CA GLU B 165 -23.70 -12.48 -23.06
C GLU B 165 -23.98 -13.39 -21.88
N SER B 166 -24.99 -13.04 -21.09
CA SER B 166 -25.42 -13.83 -19.93
C SER B 166 -24.40 -14.14 -18.85
N GLN B 167 -23.35 -13.32 -18.76
CA GLN B 167 -22.33 -13.55 -17.74
C GLN B 167 -22.38 -12.44 -16.68
N PRO B 168 -22.25 -12.81 -15.41
CA PRO B 168 -22.29 -11.84 -14.31
C PRO B 168 -20.97 -11.08 -14.20
N TYR B 169 -21.07 -9.78 -13.97
CA TYR B 169 -19.92 -8.92 -13.82
C TYR B 169 -20.02 -8.12 -12.53
N ARG B 170 -18.87 -7.80 -11.95
CA ARG B 170 -18.85 -6.96 -10.76
C ARG B 170 -18.42 -5.59 -11.27
N TYR B 171 -19.14 -4.56 -10.84
CA TYR B 171 -18.79 -3.19 -11.23
C TYR B 171 -18.48 -2.40 -9.97
N THR B 172 -17.48 -1.54 -10.03
CA THR B 172 -17.15 -0.70 -8.88
C THR B 172 -16.76 0.69 -9.39
N VAL B 173 -17.13 1.71 -8.62
CA VAL B 173 -16.80 3.08 -8.97
C VAL B 173 -16.29 3.76 -7.69
N LYS B 174 -15.23 4.53 -7.83
CA LYS B 174 -14.65 5.25 -6.69
C LYS B 174 -14.29 6.66 -7.14
N ALA B 175 -14.22 7.59 -6.19
CA ALA B 175 -13.91 8.97 -6.52
C ALA B 175 -12.56 9.46 -5.96
N ARG B 176 -11.99 10.47 -6.62
CA ARG B 176 -10.72 11.04 -6.19
C ARG B 176 -10.85 12.55 -6.03
N ASN B 177 -10.20 13.08 -5.00
CA ASN B 177 -10.16 14.53 -4.76
C ASN B 177 -8.74 14.81 -4.32
N GLY B 178 -8.50 16.00 -3.77
CA GLY B 178 -7.16 16.36 -3.34
C GLY B 178 -6.49 15.42 -2.35
N ALA B 179 -7.29 14.78 -1.49
CA ALA B 179 -6.72 13.85 -0.50
C ALA B 179 -6.47 12.45 -1.06
N GLY B 180 -7.03 12.14 -2.23
CA GLY B 180 -6.83 10.83 -2.83
C GLY B 180 -8.11 10.10 -3.21
N TRP B 181 -8.01 8.78 -3.38
CA TRP B 181 -9.16 7.95 -3.74
C TRP B 181 -9.96 7.49 -2.53
N GLY B 182 -11.29 7.55 -2.65
CA GLY B 182 -12.14 7.12 -1.55
C GLY B 182 -12.58 5.67 -1.73
N PRO B 183 -13.49 5.16 -0.88
CA PRO B 183 -13.95 3.77 -0.99
C PRO B 183 -14.80 3.58 -2.24
N GLU B 184 -14.96 2.34 -2.67
CA GLU B 184 -15.71 2.07 -3.88
C GLU B 184 -17.13 1.58 -3.70
N ARG B 185 -17.99 1.96 -4.63
CA ARG B 185 -19.39 1.54 -4.66
C ARG B 185 -19.40 0.35 -5.59
N GLU B 186 -20.00 -0.75 -5.15
CA GLU B 186 -20.02 -1.97 -5.96
C GLU B 186 -21.40 -2.51 -6.35
N ALA B 187 -21.42 -3.37 -7.36
CA ALA B 187 -22.65 -4.00 -7.82
C ALA B 187 -22.33 -5.15 -8.77
N ILE B 188 -23.00 -6.27 -8.56
CA ILE B 188 -22.83 -7.45 -9.42
C ILE B 188 -24.09 -7.50 -10.26
N ILE B 189 -23.92 -7.47 -11.57
CA ILE B 189 -25.03 -7.48 -12.52
C ILE B 189 -24.84 -8.45 -13.70
N ASN B 190 -25.93 -9.10 -14.12
CA ASN B 190 -25.93 -10.00 -15.28
C ASN B 190 -27.01 -9.40 -16.15
N LEU B 191 -26.64 -8.88 -17.32
CA LEU B 191 -27.59 -8.26 -18.22
C LEU B 191 -28.74 -9.17 -18.66
N ALA B 192 -28.51 -10.48 -18.64
CA ALA B 192 -29.55 -11.42 -19.04
C ALA B 192 -30.70 -11.46 -18.05
N THR B 193 -30.43 -11.09 -16.80
CA THR B 193 -31.46 -11.10 -15.76
C THR B 193 -31.49 -9.82 -14.94
N GLN B 194 -31.55 -8.67 -15.59
CA GLN B 194 -31.60 -7.42 -14.85
C GLN B 194 -33.01 -6.86 -14.78
N PRO B 195 -33.59 -6.56 -15.84
AS CAC C . 13.91 -41.89 -26.68
O1 CAC C . 14.09 -43.06 -28.06
O2 CAC C . 12.58 -42.12 -25.53
C1 CAC C . 15.70 -42.02 -25.81
C2 CAC C . 13.96 -40.05 -27.40
S SO4 D . 26.23 -16.70 6.46
O1 SO4 D . 25.49 -16.65 7.74
O2 SO4 D . 27.66 -16.49 6.71
O3 SO4 D . 25.72 -15.66 5.56
O4 SO4 D . 26.03 -18.01 5.83
S SO4 E . 22.90 -10.08 -4.77
O1 SO4 E . 22.38 -11.22 -4.01
O2 SO4 E . 23.95 -9.40 -3.99
O3 SO4 E . 21.82 -9.13 -5.08
O4 SO4 E . 23.48 -10.58 -6.04
AS CAC F . -13.61 -10.39 -23.55
O1 CAC F . -13.44 -11.51 -24.97
O2 CAC F . -14.94 -10.67 -22.39
C1 CAC F . -11.82 -10.53 -22.70
C2 CAC F . -13.58 -8.53 -24.21
S SO4 G . -5.81 20.54 1.08
O1 SO4 G . -6.94 21.07 0.27
O2 SO4 G . -5.35 21.58 2.02
O3 SO4 G . -4.70 20.17 0.18
O4 SO4 G . -6.25 19.35 1.83
#